data_1I8F
#
_entry.id   1I8F
#
_cell.length_a   100.261
_cell.length_b   95.738
_cell.length_c   62.157
_cell.angle_alpha   90.00
_cell.angle_beta   92.69
_cell.angle_gamma   90.00
#
_symmetry.space_group_name_H-M   'C 1 2 1'
#
loop_
_entity.id
_entity.type
_entity.pdbx_description
1 polymer 'PUTATIVE SNRNP SM-LIKE PROTEIN'
2 non-polymer GLYCEROL
3 water water
#
_entity_poly.entity_id   1
_entity_poly.type   'polypeptide(L)'
_entity_poly.pdbx_seq_one_letter_code
;MASDISKCFATLGATLQDSIGKQVLVKLRDSHEIRGILRSFDQHVNLLLEDAEEIIDGNVYKRGTMVVRGENVLFISPVP
G
;
_entity_poly.pdbx_strand_id   A,B,C,D,E,F,G
#
# COMPACT_ATOMS: atom_id res chain seq x y z
N ALA A 10 12.19 -25.07 15.24
CA ALA A 10 11.44 -23.95 15.89
C ALA A 10 11.69 -22.60 15.25
N THR A 11 12.92 -22.33 14.84
CA THR A 11 13.24 -21.06 14.21
C THR A 11 12.65 -20.98 12.80
N LEU A 12 12.29 -19.77 12.40
CA LEU A 12 11.75 -19.55 11.07
C LEU A 12 12.90 -19.74 10.07
N GLY A 13 14.10 -19.38 10.50
CA GLY A 13 15.26 -19.49 9.63
C GLY A 13 15.57 -20.96 9.38
N ALA A 14 15.52 -21.72 10.46
CA ALA A 14 15.79 -23.15 10.44
C ALA A 14 14.76 -23.83 9.55
N THR A 15 13.51 -23.37 9.62
CA THR A 15 12.47 -23.94 8.79
C THR A 15 12.71 -23.77 7.29
N LEU A 16 13.07 -22.57 6.89
CA LEU A 16 13.32 -22.30 5.50
C LEU A 16 14.59 -23.03 5.05
N GLN A 17 15.55 -23.16 5.95
CA GLN A 17 16.82 -23.81 5.58
C GLN A 17 16.52 -25.26 5.24
N ASP A 18 15.67 -25.89 6.04
CA ASP A 18 15.33 -27.30 5.83
C ASP A 18 14.40 -27.51 4.63
N SER A 19 13.91 -26.40 4.05
CA SER A 19 13.04 -26.49 2.86
C SER A 19 13.83 -26.31 1.59
N ILE A 20 15.10 -25.93 1.70
CA ILE A 20 15.94 -25.76 0.51
C ILE A 20 16.00 -27.11 -0.24
N GLY A 21 15.78 -27.05 -1.55
CA GLY A 21 15.74 -28.22 -2.42
C GLY A 21 14.35 -28.81 -2.54
N LYS A 22 13.40 -28.29 -1.77
CA LYS A 22 12.02 -28.80 -1.77
C LYS A 22 11.06 -27.83 -2.44
N GLN A 23 9.95 -28.36 -2.96
CA GLN A 23 8.96 -27.48 -3.60
C GLN A 23 8.20 -26.72 -2.52
N VAL A 24 8.06 -25.41 -2.73
CA VAL A 24 7.29 -24.58 -1.78
C VAL A 24 6.19 -23.82 -2.51
N LEU A 25 5.14 -23.48 -1.78
CA LEU A 25 4.02 -22.69 -2.29
C LEU A 25 4.31 -21.30 -1.74
N VAL A 26 4.29 -20.28 -2.60
CA VAL A 26 4.55 -18.93 -2.12
C VAL A 26 3.38 -18.07 -2.62
N LYS A 27 2.79 -17.26 -1.74
CA LYS A 27 1.75 -16.38 -2.21
C LYS A 27 2.20 -14.97 -1.88
N LEU A 28 1.87 -14.08 -2.80
CA LEU A 28 2.27 -12.70 -2.69
C LEU A 28 1.07 -11.77 -2.66
N ARG A 29 1.34 -10.48 -2.36
CA ARG A 29 0.31 -9.45 -2.44
C ARG A 29 -0.27 -9.52 -3.85
N ASP A 30 -1.48 -8.99 -3.98
CA ASP A 30 -2.26 -8.90 -5.25
C ASP A 30 -2.69 -10.29 -5.78
N SER A 31 -2.88 -11.23 -4.86
CA SER A 31 -3.34 -12.58 -5.19
C SER A 31 -2.46 -13.45 -6.06
N HIS A 32 -1.15 -13.23 -6.03
CA HIS A 32 -0.29 -14.11 -6.86
C HIS A 32 0.04 -15.39 -6.13
N GLU A 33 0.01 -16.53 -6.86
CA GLU A 33 0.31 -17.85 -6.29
C GLU A 33 1.40 -18.50 -7.15
N ILE A 34 2.50 -18.86 -6.50
CA ILE A 34 3.66 -19.42 -7.16
C ILE A 34 4.13 -20.69 -6.49
N ARG A 35 4.64 -21.64 -7.28
CA ARG A 35 5.21 -22.83 -6.69
C ARG A 35 6.60 -22.97 -7.27
N GLY A 36 7.53 -23.49 -6.49
CA GLY A 36 8.88 -23.62 -7.03
C GLY A 36 9.84 -24.30 -6.09
N ILE A 37 11.01 -24.70 -6.60
CA ILE A 37 11.96 -25.37 -5.78
C ILE A 37 12.76 -24.28 -5.08
N LEU A 38 12.69 -24.25 -3.75
CA LEU A 38 13.46 -23.27 -2.95
C LEU A 38 14.97 -23.48 -3.03
N ARG A 39 15.68 -22.54 -3.62
CA ARG A 39 17.15 -22.63 -3.71
C ARG A 39 17.89 -21.71 -2.74
N SER A 40 17.37 -20.49 -2.55
CA SER A 40 18.05 -19.56 -1.67
C SER A 40 17.05 -18.59 -1.05
N PHE A 41 17.38 -18.03 0.11
CA PHE A 41 16.51 -17.02 0.78
C PHE A 41 17.41 -16.20 1.70
N ASP A 42 17.02 -14.95 1.97
CA ASP A 42 17.79 -14.11 2.89
C ASP A 42 16.94 -13.65 4.06
N GLN A 43 17.48 -12.79 4.92
CA GLN A 43 16.71 -12.37 6.08
C GLN A 43 15.50 -11.51 5.74
N HIS A 44 15.43 -11.03 4.49
CA HIS A 44 14.29 -10.19 4.05
C HIS A 44 13.24 -11.01 3.35
N VAL A 45 13.42 -12.31 3.40
CA VAL A 45 12.57 -13.30 2.73
C VAL A 45 12.59 -13.11 1.21
N ASN A 46 13.66 -12.55 0.67
CA ASN A 46 13.79 -12.50 -0.78
C ASN A 46 14.04 -14.00 -1.09
N LEU A 47 13.58 -14.48 -2.27
CA LEU A 47 13.75 -15.88 -2.61
C LEU A 47 14.27 -16.15 -3.99
N LEU A 48 14.96 -17.28 -4.13
CA LEU A 48 15.43 -17.76 -5.41
C LEU A 48 14.74 -19.10 -5.51
N LEU A 49 13.93 -19.26 -6.56
CA LEU A 49 13.19 -20.49 -6.80
C LEU A 49 13.63 -21.00 -8.15
N GLU A 50 13.67 -22.32 -8.32
CA GLU A 50 13.95 -22.85 -9.64
C GLU A 50 12.74 -23.73 -10.05
N ASP A 51 12.60 -23.97 -11.35
CA ASP A 51 11.49 -24.77 -11.87
C ASP A 51 10.22 -24.10 -11.32
N ALA A 52 10.22 -22.78 -11.23
CA ALA A 52 9.06 -22.11 -10.67
C ALA A 52 7.92 -22.03 -11.67
N GLU A 53 6.70 -21.85 -11.16
CA GLU A 53 5.57 -21.72 -12.03
C GLU A 53 4.50 -20.86 -11.37
N GLU A 54 3.79 -20.08 -12.18
CA GLU A 54 2.67 -19.37 -11.60
C GLU A 54 1.36 -20.15 -11.80
N ILE A 55 0.48 -20.07 -10.81
CA ILE A 55 -0.86 -20.66 -10.94
C ILE A 55 -1.85 -19.48 -11.11
N ILE A 56 -2.40 -19.32 -12.31
CA ILE A 56 -3.37 -18.25 -12.60
C ILE A 56 -4.70 -18.87 -13.11
N ASP A 57 -5.76 -18.69 -12.33
CA ASP A 57 -7.07 -19.23 -12.73
C ASP A 57 -6.98 -20.72 -13.04
N GLY A 58 -6.31 -21.45 -12.16
CA GLY A 58 -6.15 -22.89 -12.29
C GLY A 58 -5.10 -23.29 -13.29
N ASN A 59 -4.70 -22.37 -14.16
CA ASN A 59 -3.69 -22.68 -15.15
C ASN A 59 -2.26 -22.54 -14.61
N VAL A 60 -1.39 -23.49 -14.97
CA VAL A 60 0.01 -23.48 -14.52
C VAL A 60 0.87 -22.88 -15.60
N TYR A 61 1.65 -21.86 -15.26
CA TYR A 61 2.53 -21.21 -16.27
C TYR A 61 3.93 -21.46 -15.80
N LYS A 62 4.68 -22.32 -16.46
CA LYS A 62 6.05 -22.53 -16.01
C LYS A 62 6.94 -21.33 -16.34
N ARG A 63 7.77 -20.94 -15.39
CA ARG A 63 8.63 -19.77 -15.54
C ARG A 63 10.13 -20.09 -15.38
N GLY A 64 10.47 -21.19 -14.74
CA GLY A 64 11.88 -21.47 -14.55
C GLY A 64 12.52 -20.82 -13.34
N THR A 65 13.61 -20.06 -13.55
CA THR A 65 14.32 -19.45 -12.41
C THR A 65 13.58 -18.12 -12.10
N MET A 66 13.39 -17.87 -10.81
CA MET A 66 12.63 -16.67 -10.37
C MET A 66 13.14 -16.11 -9.08
N VAL A 67 13.39 -14.81 -9.09
CA VAL A 67 13.77 -14.15 -7.87
C VAL A 67 12.51 -13.42 -7.40
N VAL A 68 12.17 -13.61 -6.13
CA VAL A 68 10.95 -13.07 -5.56
C VAL A 68 11.29 -12.09 -4.46
N ARG A 69 10.73 -10.88 -4.56
CA ARG A 69 11.03 -9.90 -3.51
C ARG A 69 10.23 -10.18 -2.22
N GLY A 70 10.98 -10.27 -1.12
CA GLY A 70 10.40 -10.53 0.19
C GLY A 70 9.35 -9.52 0.59
N GLU A 71 9.54 -8.28 0.16
CA GLU A 71 8.62 -7.17 0.51
C GLU A 71 7.16 -7.53 0.26
N ASN A 72 6.90 -8.31 -0.81
CA ASN A 72 5.51 -8.65 -1.10
C ASN A 72 5.10 -10.06 -0.76
N VAL A 73 5.97 -10.80 -0.10
CA VAL A 73 5.59 -12.13 0.27
C VAL A 73 4.57 -12.18 1.39
N LEU A 74 3.52 -12.99 1.23
CA LEU A 74 2.50 -13.22 2.28
C LEU A 74 2.90 -14.42 3.14
N PHE A 75 3.14 -15.54 2.46
CA PHE A 75 3.59 -16.74 3.21
C PHE A 75 4.37 -17.69 2.27
N ILE A 76 5.15 -18.58 2.88
CA ILE A 76 5.93 -19.61 2.16
C ILE A 76 5.62 -20.90 2.94
N SER A 77 5.17 -21.93 2.18
CA SER A 77 4.85 -23.23 2.78
C SER A 77 5.41 -24.37 1.91
N PRO A 78 6.24 -25.25 2.49
CA PRO A 78 6.78 -26.40 1.73
C PRO A 78 5.55 -27.25 1.38
N VAL A 79 5.44 -27.69 0.13
CA VAL A 79 4.31 -28.53 -0.34
C VAL A 79 4.44 -29.93 0.31
N PRO A 80 3.46 -30.32 1.15
CA PRO A 80 3.38 -31.61 1.89
C PRO A 80 3.34 -32.80 0.93
N PHE B 9 5.63 -5.23 24.32
CA PHE B 9 5.49 -6.58 24.97
C PHE B 9 4.16 -6.85 25.66
N ALA B 10 3.49 -5.80 26.13
CA ALA B 10 2.20 -5.98 26.80
C ALA B 10 1.05 -6.11 25.76
N THR B 11 1.37 -5.85 24.51
CA THR B 11 0.34 -5.92 23.49
C THR B 11 0.49 -7.12 22.62
N LEU B 12 1.55 -7.18 21.83
CA LEU B 12 1.73 -8.34 20.97
C LEU B 12 2.51 -9.43 21.66
N GLY B 13 3.58 -9.04 22.33
CA GLY B 13 4.47 -10.01 22.98
C GLY B 13 3.88 -11.06 23.90
N ALA B 14 3.18 -10.60 24.93
CA ALA B 14 2.57 -11.51 25.89
C ALA B 14 1.65 -12.53 25.23
N THR B 15 0.74 -12.07 24.37
CA THR B 15 -0.21 -12.97 23.73
C THR B 15 0.49 -13.98 22.81
N LEU B 16 1.49 -13.55 22.04
CA LEU B 16 2.17 -14.47 21.16
C LEU B 16 2.94 -15.47 22.05
N GLN B 17 3.59 -14.99 23.09
CA GLN B 17 4.33 -15.93 23.94
C GLN B 17 3.29 -16.88 24.57
N ASP B 18 2.14 -16.35 24.94
CA ASP B 18 1.14 -17.19 25.54
C ASP B 18 0.41 -18.10 24.55
N SER B 19 0.62 -17.89 23.26
CA SER B 19 -0.06 -18.71 22.28
C SER B 19 0.77 -19.83 21.69
N ILE B 20 2.05 -19.90 22.07
CA ILE B 20 2.90 -20.95 21.54
C ILE B 20 2.21 -22.28 21.84
N GLY B 21 2.11 -23.12 20.81
CA GLY B 21 1.48 -24.43 20.95
C GLY B 21 0.01 -24.51 20.71
N LYS B 22 -0.63 -23.34 20.58
CA LYS B 22 -2.06 -23.29 20.36
C LYS B 22 -2.43 -22.88 18.92
N GLN B 23 -3.64 -23.27 18.53
CA GLN B 23 -4.24 -22.95 17.22
C GLN B 23 -4.56 -21.42 17.22
N VAL B 24 -4.07 -20.69 16.20
CA VAL B 24 -4.38 -19.28 16.06
C VAL B 24 -5.04 -19.04 14.69
N LEU B 25 -5.89 -18.03 14.61
CA LEU B 25 -6.54 -17.57 13.35
C LEU B 25 -5.68 -16.32 13.02
N VAL B 26 -5.24 -16.22 11.77
CA VAL B 26 -4.41 -15.08 11.34
C VAL B 26 -5.02 -14.54 10.06
N LYS B 27 -5.31 -13.24 10.01
CA LYS B 27 -5.85 -12.67 8.77
C LYS B 27 -4.78 -11.73 8.29
N LEU B 28 -4.61 -11.69 6.96
CA LEU B 28 -3.57 -10.92 6.32
C LEU B 28 -4.20 -9.95 5.32
N ARG B 29 -3.36 -9.04 4.82
CA ARG B 29 -3.80 -8.09 3.79
C ARG B 29 -4.31 -8.88 2.60
N ASP B 30 -5.12 -8.25 1.75
CA ASP B 30 -5.67 -8.85 0.52
C ASP B 30 -6.62 -10.00 0.80
N SER B 31 -7.27 -9.93 1.95
CA SER B 31 -8.30 -10.92 2.34
C SER B 31 -7.94 -12.36 2.60
N HIS B 32 -6.71 -12.64 3.01
CA HIS B 32 -6.30 -14.00 3.24
C HIS B 32 -6.61 -14.37 4.69
N GLU B 33 -7.06 -15.60 4.86
CA GLU B 33 -7.41 -16.13 6.18
C GLU B 33 -6.68 -17.47 6.35
N ILE B 34 -5.94 -17.58 7.45
CA ILE B 34 -5.10 -18.77 7.75
C ILE B 34 -5.26 -19.23 9.18
N ARG B 35 -5.21 -20.54 9.43
CA ARG B 35 -5.26 -21.05 10.81
C ARG B 35 -4.09 -22.02 10.92
N GLY B 36 -3.46 -22.06 12.09
CA GLY B 36 -2.33 -22.97 12.29
C GLY B 36 -1.87 -22.98 13.75
N ILE B 37 -1.03 -23.94 14.10
CA ILE B 37 -0.53 -24.01 15.46
C ILE B 37 0.67 -23.09 15.52
N LEU B 38 0.65 -22.12 16.43
CA LEU B 38 1.76 -21.21 16.54
C LEU B 38 3.03 -21.83 17.17
N ARG B 39 4.10 -22.05 16.39
CA ARG B 39 5.30 -22.64 16.96
C ARG B 39 6.36 -21.63 17.36
N SER B 40 6.51 -20.53 16.60
CA SER B 40 7.48 -19.50 16.95
C SER B 40 7.07 -18.20 16.28
N PHE B 41 7.70 -17.13 16.72
CA PHE B 41 7.48 -15.79 16.15
C PHE B 41 8.73 -15.00 16.43
N ASP B 42 8.93 -13.90 15.72
CA ASP B 42 10.13 -13.09 15.94
C ASP B 42 9.78 -11.64 16.20
N GLN B 43 10.81 -10.78 16.22
CA GLN B 43 10.67 -9.35 16.50
C GLN B 43 9.66 -8.65 15.61
N HIS B 44 9.63 -9.03 14.34
CA HIS B 44 8.67 -8.36 13.45
C HIS B 44 7.35 -9.03 13.21
N VAL B 45 7.00 -9.94 14.11
CA VAL B 45 5.75 -10.65 14.01
C VAL B 45 5.68 -11.65 12.81
N ASN B 46 6.85 -12.10 12.34
CA ASN B 46 6.87 -13.14 11.33
C ASN B 46 6.54 -14.36 12.15
N LEU B 47 5.68 -15.22 11.60
CA LEU B 47 5.22 -16.41 12.33
C LEU B 47 5.57 -17.75 11.72
N LEU B 48 5.71 -18.75 12.58
CA LEU B 48 5.93 -20.12 12.13
C LEU B 48 4.70 -20.88 12.61
N LEU B 49 3.96 -21.41 11.66
CA LEU B 49 2.76 -22.20 11.91
C LEU B 49 3.00 -23.65 11.44
N GLU B 50 2.44 -24.58 12.21
CA GLU B 50 2.44 -25.98 11.84
C GLU B 50 0.98 -26.41 11.65
N ASP B 51 0.77 -27.43 10.83
CA ASP B 51 -0.59 -27.90 10.54
C ASP B 51 -1.41 -26.75 10.02
N ALA B 52 -0.79 -25.87 9.27
CA ALA B 52 -1.53 -24.71 8.77
C ALA B 52 -2.49 -25.04 7.66
N GLU B 53 -3.46 -24.14 7.50
CA GLU B 53 -4.45 -24.25 6.46
C GLU B 53 -4.96 -22.87 6.05
N GLU B 54 -5.29 -22.75 4.76
CA GLU B 54 -5.86 -21.51 4.23
C GLU B 54 -7.36 -21.73 4.07
N ILE B 55 -8.15 -20.72 4.41
CA ILE B 55 -9.59 -20.78 4.19
C ILE B 55 -9.87 -19.87 2.99
N ILE B 56 -10.34 -20.46 1.88
CA ILE B 56 -10.63 -19.68 0.68
C ILE B 56 -12.01 -20.04 0.15
N ASP B 57 -12.85 -19.02 -0.03
CA ASP B 57 -14.22 -19.21 -0.51
C ASP B 57 -14.89 -20.33 0.30
N GLY B 58 -14.73 -20.28 1.62
CA GLY B 58 -15.33 -21.26 2.50
C GLY B 58 -14.70 -22.65 2.48
N ASN B 59 -13.60 -22.84 1.73
CA ASN B 59 -12.96 -24.16 1.68
C ASN B 59 -11.60 -24.18 2.36
N VAL B 60 -11.24 -25.31 2.94
CA VAL B 60 -10.00 -25.44 3.64
C VAL B 60 -8.91 -26.09 2.82
N TYR B 61 -7.80 -25.41 2.66
CA TYR B 61 -6.68 -25.98 1.89
C TYR B 61 -5.55 -26.23 2.88
N LYS B 62 -5.27 -27.50 3.17
CA LYS B 62 -4.22 -27.81 4.13
C LYS B 62 -2.86 -27.54 3.55
N ARG B 63 -2.01 -26.86 4.32
CA ARG B 63 -0.69 -26.55 3.76
C ARG B 63 0.43 -27.14 4.58
N GLY B 64 0.18 -27.48 5.83
CA GLY B 64 1.28 -27.96 6.63
C GLY B 64 2.06 -26.85 7.31
N THR B 65 3.39 -26.87 7.09
CA THR B 65 4.28 -25.88 7.71
C THR B 65 4.28 -24.57 6.94
N MET B 66 4.08 -23.47 7.66
CA MET B 66 4.03 -22.16 6.97
C MET B 66 4.81 -21.00 7.64
N VAL B 67 5.62 -20.28 6.88
CA VAL B 67 6.26 -19.11 7.43
C VAL B 67 5.40 -17.93 6.94
N VAL B 68 5.01 -17.03 7.85
CA VAL B 68 4.10 -15.92 7.52
C VAL B 68 4.76 -14.60 7.81
N ARG B 69 4.79 -13.65 6.85
CA ARG B 69 5.46 -12.37 7.14
C ARG B 69 4.56 -11.49 7.97
N GLY B 70 5.17 -10.96 9.03
CA GLY B 70 4.48 -10.10 9.98
C GLY B 70 4.01 -8.82 9.33
N GLU B 71 4.74 -8.40 8.29
CA GLU B 71 4.40 -7.15 7.67
C GLU B 71 2.97 -7.08 7.17
N ASN B 72 2.44 -8.19 6.74
CA ASN B 72 1.10 -8.18 6.20
C ASN B 72 0.06 -8.75 7.13
N VAL B 73 0.45 -9.01 8.36
CA VAL B 73 -0.54 -9.51 9.32
C VAL B 73 -1.54 -8.40 9.81
N LEU B 74 -2.86 -8.71 9.87
CA LEU B 74 -3.85 -7.76 10.38
C LEU B 74 -4.06 -8.05 11.87
N PHE B 75 -4.29 -9.33 12.18
CA PHE B 75 -4.47 -9.71 13.61
C PHE B 75 -4.18 -11.18 13.76
N ILE B 76 -3.96 -11.58 15.02
CA ILE B 76 -3.67 -13.00 15.36
C ILE B 76 -4.61 -13.27 16.51
N SER B 77 -5.41 -14.32 16.39
CA SER B 77 -6.38 -14.57 17.45
C SER B 77 -6.40 -16.04 17.84
N PRO B 78 -5.99 -16.36 19.10
CA PRO B 78 -6.03 -17.79 19.46
C PRO B 78 -7.47 -18.29 19.33
N VAL B 79 -7.63 -19.46 18.75
CA VAL B 79 -9.01 -19.95 18.53
C VAL B 79 -9.61 -20.39 19.87
N PRO B 80 -10.79 -19.88 20.22
CA PRO B 80 -11.38 -20.27 21.51
C PRO B 80 -12.09 -21.64 21.52
N ALA C 14 -3.94 9.09 24.86
CA ALA C 14 -4.76 9.70 25.94
C ALA C 14 -6.14 9.08 25.92
N THR C 15 -6.67 8.90 24.72
CA THR C 15 -7.99 8.31 24.58
C THR C 15 -7.96 6.78 24.85
N LEU C 16 -6.91 6.12 24.43
CA LEU C 16 -6.84 4.67 24.63
C LEU C 16 -6.78 4.34 26.13
N GLN C 17 -5.94 5.08 26.86
CA GLN C 17 -5.78 4.86 28.30
C GLN C 17 -7.12 4.95 29.01
N ASP C 18 -8.00 5.81 28.50
CA ASP C 18 -9.31 5.98 29.11
C ASP C 18 -10.23 4.83 28.77
N SER C 19 -9.90 4.13 27.69
CA SER C 19 -10.72 3.05 27.16
C SER C 19 -10.28 1.65 27.62
N ILE C 20 -9.22 1.57 28.44
CA ILE C 20 -8.82 0.28 28.92
C ILE C 20 -10.04 -0.29 29.63
N GLY C 21 -10.42 -1.52 29.30
CA GLY C 21 -11.55 -2.17 29.94
C GLY C 21 -12.92 -1.96 29.33
N LYS C 22 -12.97 -1.12 28.30
CA LYS C 22 -14.22 -0.79 27.64
C LYS C 22 -14.19 -1.37 26.22
N GLN C 23 -15.37 -1.48 25.62
CA GLN C 23 -15.45 -1.98 24.23
C GLN C 23 -15.10 -0.90 23.22
N VAL C 24 -14.28 -1.28 22.25
CA VAL C 24 -13.91 -0.29 21.24
C VAL C 24 -14.23 -0.86 19.87
N LEU C 25 -14.51 0.03 18.93
CA LEU C 25 -14.77 -0.39 17.54
C LEU C 25 -13.45 -0.02 16.87
N VAL C 26 -12.92 -0.95 16.09
CA VAL C 26 -11.66 -0.74 15.37
C VAL C 26 -11.88 -1.10 13.87
N LYS C 27 -11.50 -0.22 12.94
CA LYS C 27 -11.58 -0.57 11.49
C LYS C 27 -10.16 -0.56 10.98
N LEU C 28 -9.87 -1.53 10.13
CA LEU C 28 -8.54 -1.74 9.58
C LEU C 28 -8.59 -1.63 8.06
N ARG C 29 -7.41 -1.44 7.45
CA ARG C 29 -7.30 -1.46 5.99
C ARG C 29 -7.94 -2.71 5.46
N ASP C 30 -8.37 -2.67 4.19
CA ASP C 30 -9.01 -3.81 3.54
C ASP C 30 -10.40 -4.12 4.05
N SER C 31 -11.07 -3.08 4.53
CA SER C 31 -12.46 -3.19 5.02
C SER C 31 -12.75 -4.12 6.19
N HIS C 32 -11.83 -4.25 7.15
CA HIS C 32 -12.11 -5.13 8.27
C HIS C 32 -12.75 -4.29 9.38
N GLU C 33 -13.71 -4.88 10.10
CA GLU C 33 -14.41 -4.18 11.18
C GLU C 33 -14.43 -5.15 12.39
N ILE C 34 -13.88 -4.67 13.51
CA ILE C 34 -13.73 -5.48 14.76
C ILE C 34 -14.18 -4.67 15.99
N ARG C 35 -14.75 -5.38 16.99
CA ARG C 35 -15.13 -4.83 18.31
C ARG C 35 -14.49 -5.78 19.35
N GLY C 36 -14.12 -5.22 20.47
CA GLY C 36 -13.52 -6.00 21.52
C GLY C 36 -13.25 -5.13 22.71
N ILE C 37 -12.89 -5.75 23.85
CA ILE C 37 -12.63 -4.97 25.05
C ILE C 37 -11.15 -4.62 24.97
N LEU C 38 -10.79 -3.34 25.11
CA LEU C 38 -9.40 -2.98 24.99
C LEU C 38 -8.67 -3.34 26.30
N ARG C 39 -7.70 -4.24 26.21
CA ARG C 39 -6.93 -4.60 27.42
C ARG C 39 -5.60 -3.90 27.49
N SER C 40 -4.96 -3.69 26.34
CA SER C 40 -3.71 -2.97 26.32
C SER C 40 -3.41 -2.40 24.93
N PHE C 41 -2.45 -1.49 24.91
CA PHE C 41 -2.02 -0.83 23.69
C PHE C 41 -0.63 -0.28 23.85
N ASP C 42 0.03 0.05 22.72
CA ASP C 42 1.36 0.64 22.76
C ASP C 42 1.48 1.84 21.87
N GLN C 43 2.71 2.33 21.74
CA GLN C 43 3.01 3.52 20.95
C GLN C 43 2.92 3.29 19.45
N HIS C 44 2.75 2.05 19.03
CA HIS C 44 2.64 1.74 17.59
C HIS C 44 1.18 1.52 17.25
N VAL C 45 0.34 1.70 18.26
CA VAL C 45 -1.09 1.55 18.16
C VAL C 45 -1.51 0.04 18.02
N ASN C 46 -0.61 -0.86 18.38
CA ASN C 46 -0.98 -2.28 18.43
C ASN C 46 -2.01 -2.38 19.58
N LEU C 47 -2.97 -3.28 19.44
CA LEU C 47 -4.00 -3.43 20.44
C LEU C 47 -4.11 -4.88 20.88
N LEU C 48 -4.48 -5.04 22.15
CA LEU C 48 -4.80 -6.37 22.67
C LEU C 48 -6.28 -6.24 23.02
N LEU C 49 -7.10 -7.04 22.38
CA LEU C 49 -8.54 -7.03 22.64
C LEU C 49 -8.96 -8.38 23.23
N GLU C 50 -9.93 -8.35 24.16
CA GLU C 50 -10.49 -9.58 24.68
C GLU C 50 -11.97 -9.60 24.31
N ASP C 51 -12.55 -10.80 24.24
CA ASP C 51 -13.94 -10.98 23.84
C ASP C 51 -14.19 -10.24 22.52
N ALA C 52 -13.18 -10.29 21.64
CA ALA C 52 -13.22 -9.63 20.34
C ALA C 52 -14.12 -10.35 19.36
N GLU C 53 -14.59 -9.62 18.37
CA GLU C 53 -15.43 -10.22 17.37
C GLU C 53 -15.28 -9.46 16.07
N GLU C 54 -15.45 -10.19 14.97
CA GLU C 54 -15.41 -9.57 13.66
C GLU C 54 -16.84 -9.33 13.13
N ILE C 55 -17.06 -8.24 12.37
CA ILE C 55 -18.37 -7.98 11.73
C ILE C 55 -18.10 -8.17 10.25
N ILE C 56 -18.72 -9.16 9.63
CA ILE C 56 -18.43 -9.44 8.23
C ILE C 56 -19.72 -9.62 7.48
N ASP C 57 -19.98 -8.75 6.52
CA ASP C 57 -21.21 -8.80 5.79
C ASP C 57 -22.36 -8.71 6.79
N GLY C 58 -22.19 -7.89 7.83
CA GLY C 58 -23.22 -7.72 8.86
C GLY C 58 -23.43 -8.84 9.83
N ASN C 59 -22.66 -9.92 9.69
CA ASN C 59 -22.71 -11.09 10.57
C ASN C 59 -21.54 -10.97 11.54
N VAL C 60 -21.75 -11.44 12.76
CA VAL C 60 -20.72 -11.35 13.78
C VAL C 60 -20.08 -12.68 14.06
N TYR C 61 -18.74 -12.67 14.11
CA TYR C 61 -18.00 -13.88 14.37
C TYR C 61 -17.20 -13.65 15.64
N LYS C 62 -17.52 -14.37 16.72
CA LYS C 62 -16.81 -14.22 18.01
C LYS C 62 -15.41 -14.82 17.89
N ARG C 63 -14.40 -14.07 18.33
CA ARG C 63 -13.03 -14.56 18.22
C ARG C 63 -12.28 -14.74 19.53
N GLY C 64 -12.64 -13.94 20.50
CA GLY C 64 -11.96 -14.03 21.79
C GLY C 64 -10.83 -13.03 21.94
N THR C 65 -9.64 -13.56 22.21
CA THR C 65 -8.48 -12.71 22.39
C THR C 65 -7.89 -12.40 21.02
N MET C 66 -7.54 -11.14 20.79
CA MET C 66 -7.03 -10.86 19.46
C MET C 66 -6.00 -9.78 19.62
N VAL C 67 -4.85 -9.94 19.00
CA VAL C 67 -3.88 -8.85 19.01
C VAL C 67 -3.93 -8.33 17.56
N VAL C 68 -3.95 -7.01 17.47
CA VAL C 68 -4.12 -6.26 16.22
C VAL C 68 -2.90 -5.36 15.99
N ARG C 69 -2.34 -5.43 14.78
CA ARG C 69 -1.21 -4.59 14.46
C ARG C 69 -1.65 -3.17 14.15
N GLY C 70 -0.94 -2.19 14.73
CA GLY C 70 -1.29 -0.79 14.57
C GLY C 70 -1.11 -0.31 13.15
N GLU C 71 -0.14 -0.89 12.45
CA GLU C 71 0.14 -0.48 11.07
C GLU C 71 -1.02 -0.45 10.12
N ASN C 72 -2.08 -1.22 10.40
CA ASN C 72 -3.22 -1.27 9.49
C ASN C 72 -4.49 -0.62 10.08
N VAL C 73 -4.34 -0.01 11.24
CA VAL C 73 -5.47 0.64 11.87
C VAL C 73 -5.87 1.97 11.23
N LEU C 74 -7.16 2.06 10.93
CA LEU C 74 -7.76 3.27 10.37
C LEU C 74 -8.21 4.16 11.53
N PHE C 75 -9.05 3.62 12.40
CA PHE C 75 -9.50 4.38 13.58
C PHE C 75 -9.90 3.48 14.73
N ILE C 76 -9.94 4.07 15.91
CA ILE C 76 -10.40 3.29 17.05
C ILE C 76 -11.43 4.25 17.69
N SER C 77 -12.58 3.67 18.02
CA SER C 77 -13.67 4.41 18.60
C SER C 77 -14.33 3.67 19.77
N PRO C 78 -14.24 4.25 20.98
CA PRO C 78 -14.87 3.57 22.13
C PRO C 78 -16.35 3.49 21.78
N VAL C 79 -16.98 2.34 22.00
CA VAL C 79 -18.40 2.19 21.64
C VAL C 79 -19.25 2.93 22.69
N PRO C 80 -20.03 3.93 22.26
CA PRO C 80 -20.88 4.71 23.17
C PRO C 80 -21.71 3.79 24.06
N GLY C 81 -21.57 3.93 25.39
CA GLY C 81 -22.35 3.13 26.32
C GLY C 81 -21.60 1.96 26.90
N PHE D 9 3.59 25.19 6.05
CA PHE D 9 3.39 25.23 7.52
C PHE D 9 1.98 25.71 7.83
N ALA D 10 1.48 26.74 7.21
CA ALA D 10 0.08 26.96 7.44
C ALA D 10 -0.60 25.71 6.80
N THR D 11 0.23 25.06 5.89
CA THR D 11 -0.07 23.85 5.14
C THR D 11 -0.90 22.88 5.95
N LEU D 12 -0.38 21.79 6.52
CA LEU D 12 -1.20 21.29 7.62
C LEU D 12 -1.68 21.91 8.94
N GLY D 13 -0.76 22.16 9.87
CA GLY D 13 -1.17 22.66 11.17
C GLY D 13 -1.96 23.94 11.26
N ALA D 14 -1.67 24.89 10.39
CA ALA D 14 -2.37 26.15 10.45
C ALA D 14 -3.88 25.93 10.46
N THR D 15 -4.39 25.19 9.47
CA THR D 15 -5.84 24.94 9.32
C THR D 15 -6.36 24.13 10.43
N LEU D 16 -5.60 23.11 10.78
CA LEU D 16 -6.00 22.25 11.86
C LEU D 16 -6.09 23.10 13.11
N GLN D 17 -5.04 23.91 13.35
CA GLN D 17 -5.11 24.76 14.52
C GLN D 17 -6.44 25.51 14.58
N ASP D 18 -6.72 26.16 13.47
CA ASP D 18 -7.94 26.94 13.38
C ASP D 18 -9.27 26.18 13.42
N SER D 19 -9.23 24.86 13.22
CA SER D 19 -10.48 24.08 13.20
C SER D 19 -10.81 23.36 14.52
N ILE D 20 -9.92 23.49 15.50
CA ILE D 20 -10.17 22.87 16.80
C ILE D 20 -11.52 23.32 17.34
N GLY D 21 -12.33 22.39 17.81
CA GLY D 21 -13.64 22.71 18.33
C GLY D 21 -14.75 22.86 17.29
N LYS D 22 -14.38 22.68 16.03
CA LYS D 22 -15.28 22.76 14.87
C LYS D 22 -15.42 21.40 14.18
N GLN D 23 -16.53 21.22 13.44
CA GLN D 23 -16.72 19.98 12.70
C GLN D 23 -15.83 19.92 11.46
N VAL D 24 -15.26 18.75 11.22
CA VAL D 24 -14.37 18.62 10.09
C VAL D 24 -14.73 17.36 9.27
N LEU D 25 -14.34 17.35 8.00
CA LEU D 25 -14.60 16.20 7.10
C LEU D 25 -13.25 15.57 6.85
N VAL D 26 -13.16 14.26 7.08
CA VAL D 26 -11.90 13.58 6.83
C VAL D 26 -12.16 12.34 5.94
N LYS D 27 -11.39 12.19 4.88
CA LYS D 27 -11.50 10.96 4.10
C LYS D 27 -10.21 10.19 4.26
N LEU D 28 -10.34 8.87 4.34
CA LEU D 28 -9.19 7.98 4.51
C LEU D 28 -9.04 7.02 3.33
N ARG D 29 -7.87 6.38 3.27
CA ARG D 29 -7.61 5.33 2.29
C ARG D 29 -8.79 4.33 2.41
N ASP D 30 -9.01 3.55 1.35
CA ASP D 30 -10.07 2.53 1.30
C ASP D 30 -11.48 3.11 1.34
N SER D 31 -11.64 4.31 0.81
CA SER D 31 -12.97 4.96 0.71
C SER D 31 -13.74 5.22 2.01
N HIS D 32 -13.04 5.57 3.08
CA HIS D 32 -13.76 5.88 4.32
C HIS D 32 -13.98 7.38 4.38
N GLU D 33 -15.16 7.75 4.83
CA GLU D 33 -15.61 9.14 4.99
C GLU D 33 -16.12 9.35 6.40
N ILE D 34 -15.44 10.22 7.15
CA ILE D 34 -15.84 10.51 8.53
C ILE D 34 -15.99 12.02 8.77
N ARG D 35 -16.89 12.37 9.69
CA ARG D 35 -17.05 13.77 10.07
C ARG D 35 -17.00 13.82 11.58
N GLY D 36 -16.44 14.89 12.12
CA GLY D 36 -16.44 15.01 13.58
C GLY D 36 -15.81 16.30 14.06
N ILE D 37 -16.03 16.58 15.33
CA ILE D 37 -15.43 17.78 15.90
C ILE D 37 -13.96 17.53 16.21
N LEU D 38 -13.06 18.34 15.64
CA LEU D 38 -11.66 18.16 15.87
C LEU D 38 -11.29 18.66 17.28
N ARG D 39 -10.85 17.74 18.14
CA ARG D 39 -10.42 18.09 19.50
C ARG D 39 -8.90 18.25 19.58
N SER D 40 -8.13 17.47 18.81
CA SER D 40 -6.68 17.64 18.77
C SER D 40 -6.07 16.89 17.61
N PHE D 41 -4.82 17.19 17.31
CA PHE D 41 -4.09 16.54 16.22
C PHE D 41 -2.60 16.71 16.50
N ASP D 42 -1.76 16.00 15.76
CA ASP D 42 -0.33 16.12 15.99
C ASP D 42 0.38 16.23 14.68
N GLN D 43 1.71 16.20 14.74
CA GLN D 43 2.50 16.35 13.54
C GLN D 43 2.46 15.22 12.53
N HIS D 44 1.86 14.10 12.92
CA HIS D 44 1.73 12.98 11.99
C HIS D 44 0.32 12.99 11.41
N VAL D 45 -0.46 14.00 11.80
CA VAL D 45 -1.85 14.17 11.38
C VAL D 45 -2.76 13.12 12.05
N ASN D 46 -2.32 12.57 13.17
CA ASN D 46 -3.20 11.68 13.89
C ASN D 46 -4.22 12.69 14.42
N LEU D 47 -5.45 12.26 14.60
CA LEU D 47 -6.52 13.13 15.04
C LEU D 47 -7.33 12.53 16.15
N LEU D 48 -7.90 13.43 16.96
CA LEU D 48 -8.84 13.11 17.99
C LEU D 48 -10.13 13.82 17.58
N LEU D 49 -11.21 13.07 17.45
CA LEU D 49 -12.48 13.70 17.06
C LEU D 49 -13.53 13.28 18.05
N GLU D 50 -14.47 14.18 18.35
CA GLU D 50 -15.57 13.90 19.23
C GLU D 50 -16.90 13.94 18.49
N ASP D 51 -17.92 13.23 18.95
CA ASP D 51 -19.20 13.25 18.26
C ASP D 51 -18.96 12.87 16.81
N ALA D 52 -18.01 11.98 16.57
CA ALA D 52 -17.69 11.58 15.20
C ALA D 52 -18.74 10.66 14.59
N GLU D 53 -18.71 10.54 13.27
CA GLU D 53 -19.66 9.68 12.62
C GLU D 53 -19.10 9.24 11.26
N GLU D 54 -19.49 8.06 10.83
CA GLU D 54 -19.06 7.61 9.53
C GLU D 54 -20.20 7.77 8.53
N ILE D 55 -19.82 8.11 7.30
CA ILE D 55 -20.82 8.22 6.20
C ILE D 55 -20.53 7.02 5.32
N ILE D 56 -21.39 6.01 5.39
CA ILE D 56 -21.27 4.79 4.61
C ILE D 56 -22.51 4.68 3.71
N ASP D 57 -22.31 4.61 2.42
CA ASP D 57 -23.42 4.49 1.48
C ASP D 57 -24.46 5.54 1.73
N GLY D 58 -24.00 6.76 1.97
CA GLY D 58 -24.91 7.87 2.20
C GLY D 58 -25.58 7.94 3.56
N ASN D 59 -25.46 6.87 4.35
CA ASN D 59 -26.06 6.79 5.67
C ASN D 59 -25.05 7.21 6.72
N VAL D 60 -25.54 7.77 7.82
CA VAL D 60 -24.66 8.24 8.85
C VAL D 60 -24.60 7.27 10.01
N TYR D 61 -23.40 7.00 10.52
CA TYR D 61 -23.28 6.10 11.66
C TYR D 61 -22.52 6.84 12.74
N LYS D 62 -23.21 7.22 13.81
CA LYS D 62 -22.55 7.95 14.89
C LYS D 62 -21.62 7.05 15.70
N ARG D 63 -20.43 7.56 16.00
CA ARG D 63 -19.46 6.75 16.72
C ARG D 63 -19.03 7.30 18.06
N GLY D 64 -19.10 8.62 18.20
CA GLY D 64 -18.68 9.28 19.44
C GLY D 64 -17.23 9.68 19.37
N THR D 65 -16.44 9.28 20.35
CA THR D 65 -15.02 9.64 20.32
C THR D 65 -14.25 8.74 19.34
N MET D 66 -13.39 9.34 18.56
CA MET D 66 -12.59 8.59 17.59
C MET D 66 -11.18 9.05 17.44
N VAL D 67 -10.23 8.11 17.52
CA VAL D 67 -8.83 8.43 17.29
C VAL D 67 -8.57 7.93 15.85
N VAL D 68 -7.92 8.73 15.02
CA VAL D 68 -7.64 8.40 13.61
C VAL D 68 -6.16 8.48 13.31
N ARG D 69 -5.60 7.42 12.73
CA ARG D 69 -4.18 7.43 12.42
C ARG D 69 -3.95 8.29 11.19
N GLY D 70 -3.02 9.22 11.31
CA GLY D 70 -2.69 10.11 10.21
C GLY D 70 -2.18 9.42 8.99
N GLU D 71 -1.57 8.26 9.16
CA GLU D 71 -1.02 7.53 8.04
C GLU D 71 -2.00 7.29 6.90
N ASN D 72 -3.29 7.09 7.20
CA ASN D 72 -4.24 6.81 6.10
C ASN D 72 -5.08 8.03 5.69
N VAL D 73 -4.77 9.17 6.29
CA VAL D 73 -5.53 10.34 5.92
C VAL D 73 -5.27 10.85 4.52
N LEU D 74 -6.36 11.12 3.80
CA LEU D 74 -6.26 11.67 2.45
C LEU D 74 -6.31 13.21 2.54
N PHE D 75 -7.38 13.69 3.15
CA PHE D 75 -7.54 15.11 3.37
C PHE D 75 -8.42 15.41 4.53
N ILE D 76 -8.34 16.67 4.99
CA ILE D 76 -9.17 17.14 6.05
C ILE D 76 -9.62 18.53 5.60
N SER D 77 -10.91 18.74 5.74
CA SER D 77 -11.54 19.99 5.40
C SER D 77 -12.67 20.36 6.36
N PRO D 78 -12.53 21.52 7.01
CA PRO D 78 -13.51 22.04 7.96
C PRO D 78 -14.84 22.16 7.21
N VAL D 79 -15.92 21.71 7.82
CA VAL D 79 -17.20 21.75 7.15
C VAL D 79 -17.76 23.16 7.07
N PRO D 80 -17.86 23.72 5.85
CA PRO D 80 -18.34 25.06 5.47
C PRO D 80 -19.52 25.55 6.30
N GLY D 81 -20.14 24.64 7.02
CA GLY D 81 -21.27 24.99 7.85
C GLY D 81 -22.11 23.76 8.07
N THR E 11 12.35 23.21 -12.79
CA THR E 11 12.26 23.04 -11.30
C THR E 11 10.84 22.59 -10.94
N LEU E 12 10.71 21.55 -10.10
CA LEU E 12 9.40 21.08 -9.65
C LEU E 12 8.96 22.17 -8.69
N GLY E 13 9.94 22.63 -7.91
CA GLY E 13 9.66 23.64 -6.92
C GLY E 13 9.21 24.98 -7.48
N ALA E 14 9.86 25.45 -8.53
CA ALA E 14 9.46 26.74 -9.09
C ALA E 14 8.06 26.63 -9.68
N THR E 15 7.81 25.57 -10.46
CA THR E 15 6.50 25.35 -11.08
C THR E 15 5.36 25.28 -10.08
N LEU E 16 5.56 24.69 -8.92
CA LEU E 16 4.47 24.69 -7.95
C LEU E 16 4.38 26.09 -7.35
N GLN E 17 5.54 26.73 -7.12
CA GLN E 17 5.54 28.08 -6.59
C GLN E 17 4.68 28.94 -7.51
N ASP E 18 4.89 28.76 -8.80
CA ASP E 18 4.12 29.52 -9.78
C ASP E 18 2.61 29.27 -9.77
N SER E 19 2.16 28.21 -9.09
CA SER E 19 0.73 27.89 -9.08
C SER E 19 0.00 28.37 -7.84
N ILE E 20 0.74 28.93 -6.90
CA ILE E 20 0.14 29.47 -5.68
C ILE E 20 -0.81 30.57 -6.14
N GLY E 21 -2.01 30.55 -5.61
CA GLY E 21 -3.03 31.51 -6.01
C GLY E 21 -3.82 31.04 -7.23
N LYS E 22 -3.50 29.88 -7.81
CA LYS E 22 -4.25 29.43 -8.98
C LYS E 22 -5.01 28.12 -8.70
N GLN E 23 -5.91 27.76 -9.61
CA GLN E 23 -6.66 26.50 -9.42
C GLN E 23 -5.87 25.31 -9.98
N VAL E 24 -5.80 24.23 -9.21
CA VAL E 24 -5.05 23.09 -9.70
C VAL E 24 -5.93 21.86 -9.51
N LEU E 25 -5.59 20.83 -10.29
CA LEU E 25 -6.23 19.51 -10.27
C LEU E 25 -5.25 18.64 -9.45
N VAL E 26 -5.78 17.87 -8.50
CA VAL E 26 -4.90 16.98 -7.71
C VAL E 26 -5.61 15.63 -7.72
N LYS E 27 -4.90 14.59 -8.15
CA LYS E 27 -5.47 13.24 -8.05
C LYS E 27 -4.69 12.56 -6.94
N LEU E 28 -5.42 11.76 -6.16
CA LEU E 28 -4.84 11.06 -5.01
C LEU E 28 -5.02 9.56 -5.17
N ARG E 29 -4.40 8.80 -4.26
CA ARG E 29 -4.54 7.34 -4.27
C ARG E 29 -6.04 7.06 -4.09
N ASP E 30 -6.45 5.88 -4.50
CA ASP E 30 -7.84 5.41 -4.42
C ASP E 30 -8.86 6.18 -5.28
N SER E 31 -8.41 6.61 -6.44
CA SER E 31 -9.27 7.29 -7.41
C SER E 31 -9.88 8.60 -6.95
N HIS E 32 -9.24 9.37 -6.08
CA HIS E 32 -9.85 10.66 -5.66
C HIS E 32 -9.37 11.77 -6.56
N GLU E 33 -10.29 12.66 -6.90
CA GLU E 33 -9.96 13.77 -7.81
C GLU E 33 -10.48 15.02 -7.14
N ILE E 34 -9.57 15.99 -6.94
CA ILE E 34 -9.92 17.22 -6.25
C ILE E 34 -9.38 18.39 -7.07
N ARG E 35 -10.02 19.55 -6.90
CA ARG E 35 -9.63 20.80 -7.59
C ARG E 35 -9.67 21.91 -6.58
N GLY E 36 -8.73 22.87 -6.61
CA GLY E 36 -8.84 23.91 -5.60
C GLY E 36 -7.76 24.97 -5.88
N ILE E 37 -7.83 26.07 -5.14
CA ILE E 37 -6.84 27.14 -5.29
C ILE E 37 -5.63 26.78 -4.40
N LEU E 38 -4.48 26.53 -5.00
CA LEU E 38 -3.25 26.20 -4.24
C LEU E 38 -2.83 27.40 -3.39
N ARG E 39 -2.89 27.31 -2.04
CA ARG E 39 -2.47 28.43 -1.17
C ARG E 39 -1.05 28.15 -0.67
N SER E 40 -0.89 26.98 -0.04
CA SER E 40 0.41 26.62 0.49
C SER E 40 0.79 25.16 0.21
N PHE E 41 2.08 24.87 0.30
CA PHE E 41 2.56 23.52 0.14
C PHE E 41 3.92 23.39 0.81
N ASP E 42 4.27 22.16 1.20
CA ASP E 42 5.58 21.94 1.81
C ASP E 42 6.43 20.90 1.05
N GLN E 43 7.60 20.58 1.58
CA GLN E 43 8.47 19.65 0.90
C GLN E 43 7.90 18.26 0.70
N HIS E 44 6.99 17.86 1.58
CA HIS E 44 6.37 16.53 1.48
C HIS E 44 5.12 16.61 0.63
N VAL E 45 4.94 17.72 -0.07
CA VAL E 45 3.77 17.96 -0.92
C VAL E 45 2.46 17.86 -0.18
N ASN E 46 2.45 18.25 1.07
CA ASN E 46 1.23 18.35 1.84
C ASN E 46 0.74 19.63 1.17
N LEU E 47 -0.60 19.82 1.11
CA LEU E 47 -1.22 20.98 0.45
C LEU E 47 -2.32 21.65 1.21
N LEU E 48 -2.39 22.98 1.02
CA LEU E 48 -3.49 23.72 1.58
C LEU E 48 -4.23 24.23 0.35
N LEU E 49 -5.49 23.89 0.26
CA LEU E 49 -6.29 24.34 -0.87
C LEU E 49 -7.42 25.16 -0.35
N GLU E 50 -7.75 26.20 -1.12
CA GLU E 50 -8.91 27.03 -0.81
C GLU E 50 -9.97 26.92 -1.91
N ASP E 51 -11.24 27.06 -1.56
CA ASP E 51 -12.33 26.93 -2.51
C ASP E 51 -12.21 25.56 -3.25
N ALA E 52 -11.77 24.57 -2.49
CA ALA E 52 -11.59 23.20 -2.97
C ALA E 52 -12.96 22.47 -3.16
N GLU E 53 -12.90 21.44 -4.00
CA GLU E 53 -14.03 20.62 -4.33
C GLU E 53 -13.57 19.24 -4.68
N GLU E 54 -14.45 18.30 -4.44
CA GLU E 54 -14.24 16.91 -4.80
C GLU E 54 -15.13 16.58 -6.05
N ILE E 55 -14.55 15.86 -7.02
CA ILE E 55 -15.32 15.44 -8.21
C ILE E 55 -15.54 13.96 -8.05
N ILE E 56 -16.80 13.57 -7.92
CA ILE E 56 -17.12 12.15 -7.72
C ILE E 56 -18.26 11.74 -8.65
N ASP E 57 -17.95 10.86 -9.58
CA ASP E 57 -18.92 10.36 -10.56
C ASP E 57 -19.58 11.53 -11.23
N GLY E 58 -18.79 12.55 -11.54
CA GLY E 58 -19.31 13.72 -12.19
C GLY E 58 -19.94 14.77 -11.27
N ASN E 59 -20.27 14.41 -10.03
CA ASN E 59 -20.83 15.41 -9.14
C ASN E 59 -19.71 16.33 -8.62
N VAL E 60 -20.04 17.58 -8.28
CA VAL E 60 -19.02 18.43 -7.68
C VAL E 60 -19.45 18.80 -6.29
N TYR E 61 -18.62 18.45 -5.30
CA TYR E 61 -18.97 18.74 -3.92
C TYR E 61 -18.04 19.79 -3.39
N LYS E 62 -18.56 20.99 -3.09
CA LYS E 62 -17.68 22.05 -2.58
C LYS E 62 -17.25 21.74 -1.14
N ARG E 63 -15.96 21.88 -0.87
CA ARG E 63 -15.47 21.59 0.49
C ARG E 63 -14.87 22.82 1.19
N GLY E 64 -14.52 23.85 0.42
CA GLY E 64 -13.93 25.05 1.01
C GLY E 64 -12.44 24.85 1.24
N THR E 65 -11.96 25.08 2.47
CA THR E 65 -10.54 24.92 2.79
C THR E 65 -10.17 23.45 3.01
N MET E 66 -9.12 23.00 2.37
CA MET E 66 -8.77 21.56 2.49
C MET E 66 -7.28 21.35 2.67
N VAL E 67 -6.92 20.53 3.64
CA VAL E 67 -5.53 20.24 3.77
C VAL E 67 -5.33 18.80 3.22
N VAL E 68 -4.36 18.65 2.34
CA VAL E 68 -4.01 17.41 1.60
C VAL E 68 -2.63 16.80 1.93
N ARG E 69 -2.65 15.55 2.46
CA ARG E 69 -1.39 14.87 2.76
C ARG E 69 -0.64 14.47 1.51
N GLY E 70 0.62 14.88 1.41
CA GLY E 70 1.37 14.54 0.21
C GLY E 70 1.64 13.06 0.01
N GLU E 71 1.58 12.30 1.09
CA GLU E 71 1.88 10.88 0.98
C GLU E 71 0.98 10.20 -0.02
N ASN E 72 -0.26 10.69 -0.10
CA ASN E 72 -1.25 10.05 -0.97
C ASN E 72 -1.50 10.77 -2.28
N VAL E 73 -0.74 11.85 -2.51
CA VAL E 73 -0.85 12.60 -3.77
C VAL E 73 -0.19 11.89 -4.90
N LEU E 74 -0.90 11.83 -6.06
CA LEU E 74 -0.36 11.25 -7.31
C LEU E 74 0.26 12.30 -8.18
N PHE E 75 -0.52 13.33 -8.51
CA PHE E 75 0.01 14.41 -9.30
C PHE E 75 -0.79 15.67 -9.02
N ILE E 76 -0.20 16.80 -9.43
CA ILE E 76 -0.83 18.14 -9.30
C ILE E 76 -0.59 18.81 -10.67
N SER E 77 -1.65 19.41 -11.22
CA SER E 77 -1.55 20.10 -12.49
C SER E 77 -2.43 21.36 -12.51
N PRO E 78 -1.88 22.52 -12.95
CA PRO E 78 -2.74 23.72 -12.97
C PRO E 78 -3.80 23.51 -14.04
N VAL E 79 -5.01 23.97 -13.78
CA VAL E 79 -6.09 23.80 -14.73
C VAL E 79 -6.13 25.04 -15.61
N PRO E 80 -5.88 24.87 -16.91
CA PRO E 80 -5.88 26.00 -17.86
C PRO E 80 -7.30 26.39 -18.28
N ILE F 5 17.85 9.80 -8.34
CA ILE F 5 17.96 8.54 -7.55
C ILE F 5 19.11 8.54 -6.54
N SER F 6 20.20 9.22 -6.89
CA SER F 6 21.41 9.39 -6.06
C SER F 6 22.41 8.23 -6.10
N LYS F 7 22.01 7.10 -5.53
CA LYS F 7 22.85 5.92 -5.56
C LYS F 7 22.36 5.00 -6.68
N CYS F 8 21.52 5.54 -7.56
CA CYS F 8 20.94 4.76 -8.64
C CYS F 8 21.14 5.28 -10.05
N PHE F 9 22.30 5.86 -10.33
CA PHE F 9 22.52 6.41 -11.68
C PHE F 9 22.49 5.38 -12.81
N ALA F 10 22.99 4.18 -12.52
CA ALA F 10 23.10 3.10 -13.48
C ALA F 10 21.78 2.48 -13.84
N THR F 11 20.77 2.67 -13.01
CA THR F 11 19.49 2.10 -13.37
C THR F 11 18.51 3.18 -13.70
N LEU F 12 18.25 4.07 -12.75
CA LEU F 12 17.28 5.10 -13.00
C LEU F 12 17.82 6.42 -13.51
N GLY F 13 18.88 6.91 -12.86
CA GLY F 13 19.39 8.23 -13.17
C GLY F 13 19.86 8.60 -14.55
N ALA F 14 20.63 7.73 -15.14
CA ALA F 14 21.17 8.01 -16.45
C ALA F 14 20.07 8.13 -17.48
N THR F 15 19.09 7.20 -17.48
CA THR F 15 18.01 7.28 -18.47
C THR F 15 17.17 8.53 -18.34
N LEU F 16 16.89 8.92 -17.10
CA LEU F 16 16.11 10.12 -16.84
C LEU F 16 16.93 11.33 -17.27
N GLN F 17 18.23 11.34 -16.95
CA GLN F 17 19.06 12.44 -17.39
C GLN F 17 18.98 12.54 -18.92
N ASP F 18 19.13 11.39 -19.59
CA ASP F 18 19.09 11.35 -21.04
C ASP F 18 17.73 11.63 -21.64
N SER F 19 16.66 11.55 -20.85
CA SER F 19 15.29 11.77 -21.36
C SER F 19 14.78 13.21 -21.19
N ILE F 20 15.59 14.08 -20.62
CA ILE F 20 15.18 15.45 -20.41
C ILE F 20 14.76 15.97 -21.79
N GLY F 21 13.60 16.59 -21.85
CA GLY F 21 13.10 17.13 -23.12
C GLY F 21 12.37 16.19 -24.05
N LYS F 22 12.38 14.90 -23.73
CA LYS F 22 11.72 13.93 -24.57
C LYS F 22 10.37 13.55 -23.95
N GLN F 23 9.46 13.02 -24.77
CA GLN F 23 8.14 12.59 -24.27
C GLN F 23 8.29 11.21 -23.60
N VAL F 24 7.75 11.07 -22.39
CA VAL F 24 7.86 9.79 -21.67
C VAL F 24 6.47 9.29 -21.29
N LEU F 25 6.34 7.97 -21.23
CA LEU F 25 5.12 7.28 -20.79
C LEU F 25 5.45 6.94 -19.33
N VAL F 26 4.59 7.36 -18.40
CA VAL F 26 4.77 7.08 -16.99
C VAL F 26 3.55 6.29 -16.45
N LYS F 27 3.74 5.12 -15.80
CA LYS F 27 2.54 4.49 -15.19
C LYS F 27 2.67 4.60 -13.69
N LEU F 28 1.53 4.81 -13.02
CA LEU F 28 1.51 5.04 -11.56
C LEU F 28 0.66 3.97 -10.91
N ARG F 29 0.79 3.87 -9.58
CA ARG F 29 -0.08 2.98 -8.76
C ARG F 29 -1.56 3.30 -9.09
N ASP F 30 -2.47 2.37 -8.78
CA ASP F 30 -3.91 2.55 -9.06
C ASP F 30 -4.30 2.69 -10.53
N SER F 31 -3.51 2.08 -11.40
CA SER F 31 -3.72 2.05 -12.82
C SER F 31 -3.78 3.37 -13.52
N HIS F 32 -2.92 4.32 -13.19
CA HIS F 32 -2.95 5.58 -13.93
C HIS F 32 -1.86 5.54 -15.02
N GLU F 33 -2.20 6.12 -16.17
CA GLU F 33 -1.27 6.19 -17.30
C GLU F 33 -1.19 7.64 -17.78
N ILE F 34 0.02 8.19 -17.77
CA ILE F 34 0.25 9.60 -18.14
C ILE F 34 1.39 9.65 -19.16
N ARG F 35 1.31 10.61 -20.07
CA ARG F 35 2.38 10.83 -21.05
C ARG F 35 2.68 12.32 -20.91
N GLY F 36 3.93 12.71 -21.14
CA GLY F 36 4.31 14.12 -21.00
C GLY F 36 5.80 14.31 -21.33
N ILE F 37 6.19 15.56 -21.58
CA ILE F 37 7.60 15.82 -21.88
C ILE F 37 8.31 15.99 -20.58
N LEU F 38 9.34 15.18 -20.38
CA LEU F 38 10.12 15.27 -19.17
C LEU F 38 10.96 16.55 -19.28
N ARG F 39 10.86 17.39 -18.26
CA ARG F 39 11.57 18.65 -18.18
C ARG F 39 12.45 18.64 -16.94
N SER F 40 12.05 17.90 -15.92
CA SER F 40 12.87 17.86 -14.72
C SER F 40 12.49 16.73 -13.79
N PHE F 41 13.38 16.42 -12.84
CA PHE F 41 13.17 15.40 -11.83
C PHE F 41 14.11 15.62 -10.66
N ASP F 42 13.81 14.98 -9.54
CA ASP F 42 14.64 15.10 -8.36
C ASP F 42 15.07 13.76 -7.78
N GLN F 43 15.83 13.83 -6.69
CA GLN F 43 16.36 12.64 -6.02
C GLN F 43 15.30 11.59 -5.71
N HIS F 44 14.09 12.06 -5.44
CA HIS F 44 12.99 11.16 -5.09
C HIS F 44 12.14 10.67 -6.27
N VAL F 45 12.61 10.96 -7.49
CA VAL F 45 11.92 10.64 -8.73
C VAL F 45 10.60 11.40 -8.92
N ASN F 46 10.44 12.54 -8.24
CA ASN F 46 9.27 13.35 -8.54
C ASN F 46 9.63 13.87 -9.90
N LEU F 47 8.62 14.01 -10.75
CA LEU F 47 8.75 14.49 -12.13
C LEU F 47 7.99 15.76 -12.51
N LEU F 48 8.55 16.49 -13.48
CA LEU F 48 7.92 17.67 -14.07
C LEU F 48 7.71 17.34 -15.52
N LEU F 49 6.44 17.36 -15.93
CA LEU F 49 6.05 17.04 -17.27
C LEU F 49 5.36 18.28 -17.83
N GLU F 50 5.58 18.52 -19.11
CA GLU F 50 4.97 19.65 -19.78
C GLU F 50 4.13 19.02 -20.84
N ASP F 51 3.01 19.65 -21.19
CA ASP F 51 2.08 19.10 -22.18
C ASP F 51 1.68 17.66 -21.80
N ALA F 52 1.50 17.41 -20.51
CA ALA F 52 1.14 16.05 -20.03
C ALA F 52 -0.32 15.76 -20.27
N GLU F 53 -0.64 14.48 -20.40
CA GLU F 53 -1.99 14.02 -20.61
C GLU F 53 -2.25 12.69 -19.88
N GLU F 54 -3.49 12.48 -19.44
CA GLU F 54 -3.87 11.21 -18.81
C GLU F 54 -4.59 10.37 -19.84
N ILE F 55 -4.40 9.05 -19.79
CA ILE F 55 -5.09 8.15 -20.72
C ILE F 55 -5.98 7.36 -19.72
N ILE F 56 -7.28 7.60 -19.81
CA ILE F 56 -8.28 6.97 -18.94
C ILE F 56 -9.26 6.25 -19.88
N ASP F 57 -9.41 4.93 -19.70
CA ASP F 57 -10.30 4.10 -20.54
C ASP F 57 -10.06 4.43 -21.99
N GLY F 58 -8.81 4.37 -22.42
CA GLY F 58 -8.46 4.65 -23.79
C GLY F 58 -8.59 6.10 -24.22
N ASN F 59 -9.27 6.92 -23.41
CA ASN F 59 -9.44 8.35 -23.76
C ASN F 59 -8.30 9.26 -23.23
N VAL F 60 -7.91 10.25 -24.04
CA VAL F 60 -6.86 11.20 -23.67
C VAL F 60 -7.34 12.49 -22.99
N TYR F 61 -6.85 12.77 -21.79
CA TYR F 61 -7.24 14.00 -21.10
C TYR F 61 -6.00 14.89 -20.92
N LYS F 62 -5.91 15.94 -21.74
CA LYS F 62 -4.77 16.86 -21.65
C LYS F 62 -4.77 17.71 -20.38
N ARG F 63 -3.60 17.87 -19.76
CA ARG F 63 -3.51 18.59 -18.50
C ARG F 63 -2.49 19.71 -18.46
N GLY F 64 -1.59 19.72 -19.43
CA GLY F 64 -0.59 20.77 -19.44
C GLY F 64 0.58 20.45 -18.54
N THR F 65 0.85 21.33 -17.57
CA THR F 65 1.96 21.15 -16.64
C THR F 65 1.61 20.26 -15.47
N MET F 66 2.37 19.17 -15.32
CA MET F 66 2.09 18.23 -14.24
C MET F 66 3.29 17.90 -13.38
N VAL F 67 3.12 17.91 -12.05
CA VAL F 67 4.16 17.53 -11.09
C VAL F 67 3.65 16.13 -10.66
N VAL F 68 4.53 15.12 -10.72
CA VAL F 68 4.14 13.72 -10.38
C VAL F 68 5.01 13.26 -9.24
N ARG F 69 4.40 12.61 -8.23
CA ARG F 69 5.16 12.18 -7.08
C ARG F 69 5.84 10.88 -7.44
N GLY F 70 7.15 10.84 -7.24
CA GLY F 70 7.88 9.63 -7.62
C GLY F 70 7.52 8.43 -6.81
N GLU F 71 7.03 8.67 -5.59
CA GLU F 71 6.66 7.60 -4.72
C GLU F 71 5.69 6.60 -5.33
N ASN F 72 4.86 7.09 -6.24
CA ASN F 72 3.84 6.19 -6.81
C ASN F 72 4.16 5.78 -8.21
N VAL F 73 5.39 6.09 -8.68
CA VAL F 73 5.72 5.74 -10.07
C VAL F 73 6.05 4.26 -10.22
N LEU F 74 5.50 3.60 -11.26
CA LEU F 74 5.79 2.20 -11.51
C LEU F 74 7.00 2.12 -12.51
N PHE F 75 6.92 2.86 -13.59
CA PHE F 75 8.02 2.86 -14.57
C PHE F 75 7.93 4.11 -15.39
N ILE F 76 9.03 4.44 -16.10
CA ILE F 76 9.07 5.62 -16.95
C ILE F 76 9.73 5.08 -18.20
N SER F 77 9.11 5.33 -19.34
CA SER F 77 9.62 4.84 -20.61
C SER F 77 9.54 5.91 -21.69
N PRO F 78 10.69 6.41 -22.15
CA PRO F 78 10.62 7.44 -23.21
C PRO F 78 9.94 6.79 -24.44
N VAL F 79 8.91 7.43 -25.02
CA VAL F 79 8.17 6.89 -26.18
C VAL F 79 9.09 6.67 -27.40
N PRO F 80 9.04 5.49 -28.06
CA PRO F 80 9.92 5.31 -29.21
C PRO F 80 9.52 6.21 -30.37
N GLY F 81 10.48 6.95 -30.90
CA GLY F 81 10.24 7.86 -32.01
C GLY F 81 9.39 7.30 -33.14
N GLY G 13 20.60 -10.86 -7.41
CA GLY G 13 22.01 -10.42 -7.73
C GLY G 13 22.63 -11.49 -8.60
N ALA G 14 22.99 -12.60 -7.97
CA ALA G 14 23.55 -13.73 -8.67
C ALA G 14 22.81 -13.94 -10.01
N THR G 15 21.54 -14.29 -9.87
CA THR G 15 20.63 -14.54 -10.97
C THR G 15 20.51 -13.32 -11.89
N LEU G 16 20.25 -12.14 -11.33
CA LEU G 16 20.11 -10.95 -12.13
C LEU G 16 21.37 -10.72 -12.93
N GLN G 17 22.53 -10.89 -12.29
CA GLN G 17 23.80 -10.71 -12.98
C GLN G 17 23.83 -11.66 -14.19
N ASP G 18 23.49 -12.92 -13.99
CA ASP G 18 23.49 -13.88 -15.07
C ASP G 18 22.50 -13.56 -16.13
N SER G 19 21.51 -12.72 -15.81
CA SER G 19 20.48 -12.38 -16.79
C SER G 19 20.70 -11.10 -17.58
N ILE G 20 21.81 -10.39 -17.36
CA ILE G 20 22.10 -9.18 -18.12
C ILE G 20 22.17 -9.56 -19.61
N GLY G 21 21.50 -8.79 -20.47
CA GLY G 21 21.47 -9.11 -21.90
C GLY G 21 20.42 -10.13 -22.26
N LYS G 22 19.72 -10.66 -21.26
CA LYS G 22 18.67 -11.65 -21.51
C LYS G 22 17.29 -11.06 -21.27
N GLN G 23 16.28 -11.69 -21.87
CA GLN G 23 14.90 -11.21 -21.71
C GLN G 23 14.43 -11.74 -20.39
N VAL G 24 13.73 -10.86 -19.67
CA VAL G 24 13.24 -11.26 -18.36
C VAL G 24 11.75 -10.90 -18.29
N LEU G 25 11.02 -11.69 -17.49
CA LEU G 25 9.63 -11.39 -17.23
C LEU G 25 9.62 -10.67 -15.85
N VAL G 26 8.91 -9.57 -15.77
CA VAL G 26 8.80 -8.84 -14.52
C VAL G 26 7.34 -8.57 -14.22
N LYS G 27 6.87 -8.91 -13.02
CA LYS G 27 5.51 -8.52 -12.66
C LYS G 27 5.62 -7.55 -11.49
N LEU G 28 4.70 -6.57 -11.49
CA LEU G 28 4.67 -5.54 -10.49
C LEU G 28 3.30 -5.52 -9.80
N ARG G 29 3.27 -4.79 -8.71
CA ARG G 29 2.02 -4.52 -8.00
C ARG G 29 1.03 -3.95 -9.01
N ASP G 30 -0.27 -4.11 -8.73
CA ASP G 30 -1.38 -3.58 -9.55
C ASP G 30 -1.49 -4.31 -10.89
N SER G 31 -1.13 -5.59 -10.86
CA SER G 31 -1.24 -6.55 -11.98
C SER G 31 -0.57 -6.12 -13.27
N HIS G 32 0.67 -5.66 -13.18
CA HIS G 32 1.35 -5.24 -14.41
C HIS G 32 2.30 -6.35 -14.75
N GLU G 33 2.42 -6.65 -16.05
CA GLU G 33 3.26 -7.71 -16.60
C GLU G 33 4.13 -7.05 -17.69
N ILE G 34 5.44 -7.15 -17.53
CA ILE G 34 6.38 -6.53 -18.48
C ILE G 34 7.47 -7.51 -18.90
N ARG G 35 7.92 -7.40 -20.14
CA ARG G 35 9.05 -8.25 -20.57
C ARG G 35 10.08 -7.26 -21.20
N GLY G 36 11.34 -7.55 -20.97
CA GLY G 36 12.38 -6.73 -21.54
C GLY G 36 13.75 -7.34 -21.39
N ILE G 37 14.74 -6.75 -22.10
CA ILE G 37 16.11 -7.19 -22.03
C ILE G 37 16.72 -6.47 -20.85
N LEU G 38 17.20 -7.22 -19.87
CA LEU G 38 17.74 -6.61 -18.66
C LEU G 38 19.10 -6.01 -18.98
N ARG G 39 19.26 -4.69 -18.74
CA ARG G 39 20.56 -4.05 -18.98
C ARG G 39 21.26 -3.77 -17.67
N SER G 40 20.51 -3.34 -16.64
CA SER G 40 21.14 -3.15 -15.34
C SER G 40 20.11 -3.33 -14.23
N PHE G 41 20.60 -3.50 -13.02
CA PHE G 41 19.75 -3.63 -11.82
C PHE G 41 20.61 -3.26 -10.61
N ASP G 42 19.96 -3.04 -9.47
CA ASP G 42 20.67 -2.73 -8.24
C ASP G 42 20.09 -3.52 -7.08
N GLN G 43 20.63 -3.32 -5.88
CA GLN G 43 20.20 -4.05 -4.68
C GLN G 43 18.73 -3.78 -4.29
N HIS G 44 18.20 -2.66 -4.78
CA HIS G 44 16.80 -2.24 -4.52
C HIS G 44 15.86 -2.77 -5.63
N VAL G 45 16.41 -3.59 -6.50
CA VAL G 45 15.71 -4.16 -7.64
C VAL G 45 15.16 -3.10 -8.64
N ASN G 46 15.76 -1.91 -8.64
CA ASN G 46 15.43 -0.97 -9.67
C ASN G 46 16.03 -1.62 -10.91
N LEU G 47 15.39 -1.40 -12.05
CA LEU G 47 15.77 -2.00 -13.32
C LEU G 47 15.78 -1.08 -14.50
N LEU G 48 16.74 -1.35 -15.40
CA LEU G 48 16.75 -0.64 -16.66
C LEU G 48 16.52 -1.77 -17.66
N LEU G 49 15.46 -1.66 -18.46
CA LEU G 49 15.20 -2.69 -19.48
C LEU G 49 15.25 -2.06 -20.88
N GLU G 50 15.65 -2.86 -21.89
CA GLU G 50 15.59 -2.35 -23.26
C GLU G 50 14.65 -3.24 -24.08
N ASP G 51 14.11 -2.70 -25.18
CA ASP G 51 13.17 -3.43 -26.04
C ASP G 51 12.06 -3.94 -25.08
N ALA G 52 11.68 -3.13 -24.11
CA ALA G 52 10.66 -3.54 -23.14
C ALA G 52 9.25 -3.53 -23.74
N GLU G 53 8.37 -4.40 -23.20
CA GLU G 53 6.99 -4.50 -23.65
C GLU G 53 6.02 -4.77 -22.50
N GLU G 54 4.81 -4.23 -22.59
CA GLU G 54 3.80 -4.53 -21.55
C GLU G 54 2.84 -5.56 -22.12
N ILE G 55 2.40 -6.52 -21.29
CA ILE G 55 1.42 -7.51 -21.76
C ILE G 55 0.16 -7.10 -21.04
N ILE G 56 -0.81 -6.58 -21.79
CA ILE G 56 -2.07 -6.10 -21.19
C ILE G 56 -3.27 -6.82 -21.83
N ASP G 57 -4.04 -7.57 -21.03
CA ASP G 57 -5.21 -8.27 -21.58
C ASP G 57 -4.82 -9.11 -22.80
N GLY G 58 -3.65 -9.74 -22.74
CA GLY G 58 -3.20 -10.59 -23.84
C GLY G 58 -2.54 -9.87 -25.01
N ASN G 59 -2.58 -8.55 -24.98
CA ASN G 59 -2.00 -7.78 -26.06
C ASN G 59 -0.61 -7.28 -25.68
N VAL G 60 0.29 -7.27 -26.66
CA VAL G 60 1.66 -6.81 -26.43
C VAL G 60 1.83 -5.36 -26.86
N TYR G 61 2.35 -4.50 -25.99
CA TYR G 61 2.53 -3.11 -26.38
C TYR G 61 4.03 -2.84 -26.22
N LYS G 62 4.74 -2.56 -27.31
CA LYS G 62 6.18 -2.33 -27.22
C LYS G 62 6.43 -0.93 -26.68
N ARG G 63 7.39 -0.83 -25.75
CA ARG G 63 7.75 0.42 -25.11
C ARG G 63 9.19 0.88 -25.32
N GLY G 64 10.09 -0.04 -25.62
CA GLY G 64 11.46 0.41 -25.78
C GLY G 64 12.24 0.46 -24.47
N THR G 65 12.83 1.61 -24.17
CA THR G 65 13.61 1.76 -22.94
C THR G 65 12.70 2.02 -21.77
N MET G 66 12.94 1.29 -20.68
CA MET G 66 12.04 1.45 -19.53
C MET G 66 12.78 1.37 -18.20
N VAL G 67 12.59 2.34 -17.31
CA VAL G 67 13.23 2.18 -16.03
C VAL G 67 12.10 1.86 -15.06
N VAL G 68 12.36 0.86 -14.23
CA VAL G 68 11.37 0.32 -13.27
C VAL G 68 11.85 0.52 -11.82
N ARG G 69 10.98 1.10 -10.98
CA ARG G 69 11.32 1.25 -9.55
C ARG G 69 11.16 -0.11 -8.88
N GLY G 70 12.19 -0.50 -8.14
CA GLY G 70 12.20 -1.81 -7.51
C GLY G 70 11.14 -1.99 -6.42
N GLU G 71 10.68 -0.90 -5.78
CA GLU G 71 9.68 -0.99 -4.71
C GLU G 71 8.44 -1.77 -5.10
N ASN G 72 8.07 -1.72 -6.36
CA ASN G 72 6.82 -2.41 -6.79
C ASN G 72 7.03 -3.79 -7.48
N VAL G 73 8.27 -4.24 -7.55
CA VAL G 73 8.54 -5.53 -8.21
C VAL G 73 8.12 -6.72 -7.33
N LEU G 74 7.35 -7.63 -7.94
CA LEU G 74 6.92 -8.83 -7.28
C LEU G 74 7.95 -9.93 -7.60
N PHE G 75 8.24 -10.15 -8.89
CA PHE G 75 9.26 -11.14 -9.19
C PHE G 75 9.89 -10.84 -10.56
N ILE G 76 11.05 -11.46 -10.80
CA ILE G 76 11.74 -11.33 -12.07
C ILE G 76 12.19 -12.73 -12.41
N SER G 77 11.97 -13.12 -13.65
CA SER G 77 12.35 -14.47 -14.07
C SER G 77 12.84 -14.45 -15.51
N PRO G 78 14.07 -14.94 -15.74
CA PRO G 78 14.52 -14.92 -17.12
C PRO G 78 13.62 -15.84 -17.96
N VAL G 79 13.20 -15.33 -19.12
CA VAL G 79 12.34 -16.10 -19.99
C VAL G 79 13.12 -17.27 -20.58
N PRO G 80 12.59 -18.51 -20.41
CA PRO G 80 13.18 -19.76 -20.91
C PRO G 80 13.49 -19.61 -22.40
#